data_2KEH
#
_entry.id   2KEH
#
_entity_poly.entity_id   1
_entity_poly.type   'polypeptide(L)'
_entity_poly.pdbx_seq_one_letter_code
;RRSRKNGIGYAIGYAFGAVERAVLGGSRDYNK
;
_entity_poly.pdbx_strand_id   A
#
# COMPACT_ATOMS: atom_id res chain seq x y z
N ARG A 1 17.07 18.98 8.42
CA ARG A 1 17.02 19.05 6.97
C ARG A 1 16.50 17.74 6.38
N ARG A 2 16.78 16.64 7.05
CA ARG A 2 16.33 15.32 6.60
C ARG A 2 14.89 15.07 6.99
N SER A 3 13.97 15.46 6.11
CA SER A 3 12.54 15.27 6.37
C SER A 3 11.73 15.44 5.09
N ARG A 4 12.13 16.42 4.27
CA ARG A 4 11.44 16.69 3.01
C ARG A 4 11.98 15.80 1.89
N LYS A 5 12.00 14.50 2.14
CA LYS A 5 12.48 13.53 1.16
C LYS A 5 12.29 12.11 1.65
N ASN A 6 12.60 11.88 2.92
CA ASN A 6 12.46 10.55 3.52
C ASN A 6 11.02 10.06 3.40
N GLY A 7 10.08 10.98 3.46
CA GLY A 7 8.68 10.62 3.37
C GLY A 7 8.22 9.79 4.54
N ILE A 8 7.54 10.43 5.50
CA ILE A 8 7.05 9.75 6.68
C ILE A 8 6.02 8.69 6.31
N GLY A 9 5.16 9.01 5.34
CA GLY A 9 4.15 8.09 4.90
C GLY A 9 3.79 8.25 3.44
N TYR A 10 4.68 8.87 2.68
CA TYR A 10 4.45 9.10 1.26
C TYR A 10 4.65 7.82 0.47
N ALA A 11 5.85 7.26 0.55
CA ALA A 11 6.17 6.03 -0.17
C ALA A 11 5.45 4.84 0.45
N ILE A 12 5.57 4.68 1.75
CA ILE A 12 4.92 3.58 2.46
C ILE A 12 3.43 3.54 2.17
N GLY A 13 2.77 4.68 2.33
CA GLY A 13 1.34 4.76 2.07
C GLY A 13 1.00 4.47 0.62
N TYR A 14 1.90 4.86 -0.28
CA TYR A 14 1.68 4.65 -1.71
C TYR A 14 1.43 3.18 -2.01
N ALA A 15 2.33 2.32 -1.54
CA ALA A 15 2.20 0.88 -1.76
C ALA A 15 1.02 0.32 -1.00
N PHE A 16 0.71 0.91 0.15
CA PHE A 16 -0.40 0.46 0.98
C PHE A 16 -1.73 0.62 0.24
N GLY A 17 -1.89 1.76 -0.42
CA GLY A 17 -3.11 2.02 -1.16
C GLY A 17 -3.35 1.01 -2.25
N ALA A 18 -2.28 0.49 -2.83
CA ALA A 18 -2.38 -0.50 -3.90
C ALA A 18 -2.76 -1.87 -3.34
N VAL A 19 -2.14 -2.25 -2.24
CA VAL A 19 -2.42 -3.52 -1.60
C VAL A 19 -3.92 -3.71 -1.35
N GLU A 20 -4.61 -2.59 -1.16
CA GLU A 20 -6.05 -2.62 -0.90
C GLU A 20 -6.82 -2.91 -2.20
N ARG A 21 -6.44 -2.23 -3.26
CA ARG A 21 -7.10 -2.41 -4.55
C ARG A 21 -7.01 -3.85 -5.02
N ALA A 22 -5.95 -4.54 -4.59
CA ALA A 22 -5.74 -5.94 -4.96
C ALA A 22 -6.87 -6.81 -4.44
N VAL A 23 -7.19 -6.67 -3.16
CA VAL A 23 -8.26 -7.44 -2.55
C VAL A 23 -9.63 -6.86 -2.87
N LEU A 24 -9.66 -5.55 -3.12
CA LEU A 24 -10.91 -4.87 -3.45
C LEU A 24 -11.60 -5.53 -4.63
N GLY A 25 -10.84 -5.78 -5.69
CA GLY A 25 -11.40 -6.41 -6.87
C GLY A 25 -11.57 -7.91 -6.70
N GLY A 26 -10.45 -8.62 -6.55
CA GLY A 26 -10.50 -10.05 -6.38
C GLY A 26 -10.10 -10.49 -4.98
N SER A 27 -11.08 -10.92 -4.19
CA SER A 27 -10.82 -11.37 -2.83
C SER A 27 -9.70 -12.41 -2.80
N ARG A 28 -8.66 -12.13 -2.03
CA ARG A 28 -7.53 -13.04 -1.92
C ARG A 28 -7.85 -14.19 -0.96
N ASP A 29 -8.53 -15.21 -1.48
CA ASP A 29 -8.90 -16.37 -0.67
C ASP A 29 -9.67 -17.38 -1.51
N TYR A 30 -9.49 -18.67 -1.20
CA TYR A 30 -10.17 -19.73 -1.92
C TYR A 30 -9.83 -21.10 -1.32
N ASN A 31 -10.83 -21.75 -0.76
CA ASN A 31 -10.64 -23.06 -0.15
C ASN A 31 -11.96 -23.60 0.42
N LYS A 32 -12.43 -24.71 -0.14
CA LYS A 32 -13.67 -25.32 0.31
C LYS A 32 -14.81 -24.31 0.28
N ARG A 1 18.21 11.65 9.41
CA ARG A 1 17.37 12.82 9.30
C ARG A 1 16.58 12.81 7.99
N ARG A 2 17.16 12.18 6.97
CA ARG A 2 16.51 12.09 5.67
C ARG A 2 15.25 11.23 5.74
N SER A 3 14.10 11.89 5.59
CA SER A 3 12.81 11.19 5.64
C SER A 3 11.67 12.13 5.29
N ARG A 4 11.32 13.02 6.22
CA ARG A 4 10.25 13.97 6.01
C ARG A 4 10.76 15.21 5.28
N LYS A 5 11.38 14.99 4.12
CA LYS A 5 11.91 16.09 3.32
C LYS A 5 12.23 15.63 1.91
N ASN A 6 11.45 14.68 1.41
CA ASN A 6 11.65 14.15 0.07
C ASN A 6 10.60 13.09 -0.27
N GLY A 7 10.20 12.33 0.74
CA GLY A 7 9.20 11.29 0.53
C GLY A 7 8.38 11.03 1.78
N ILE A 8 7.70 12.06 2.27
CA ILE A 8 6.87 11.93 3.46
C ILE A 8 5.83 10.82 3.30
N GLY A 9 5.19 10.79 2.13
CA GLY A 9 4.19 9.76 1.88
C GLY A 9 4.25 9.25 0.45
N TYR A 10 5.40 9.43 -0.20
CA TYR A 10 5.58 8.98 -1.58
C TYR A 10 5.75 7.47 -1.63
N ALA A 11 6.80 6.97 -0.97
CA ALA A 11 7.08 5.54 -0.94
C ALA A 11 6.03 4.80 -0.12
N ILE A 12 5.79 5.28 1.09
CA ILE A 12 4.82 4.65 1.98
C ILE A 12 3.46 4.53 1.30
N GLY A 13 2.97 5.64 0.75
CA GLY A 13 1.69 5.63 0.08
C GLY A 13 1.67 4.74 -1.14
N TYR A 14 2.83 4.60 -1.78
CA TYR A 14 2.95 3.78 -2.98
C TYR A 14 2.52 2.35 -2.69
N ALA A 15 3.09 1.75 -1.65
CA ALA A 15 2.76 0.39 -1.26
C ALA A 15 1.33 0.29 -0.74
N PHE A 16 0.93 1.28 0.05
CA PHE A 16 -0.42 1.30 0.62
C PHE A 16 -1.47 1.16 -0.48
N GLY A 17 -1.35 1.98 -1.51
CA GLY A 17 -2.30 1.93 -2.61
C GLY A 17 -2.42 0.54 -3.22
N ALA A 18 -1.30 -0.19 -3.25
CA ALA A 18 -1.27 -1.54 -3.80
C ALA A 18 -1.94 -2.52 -2.85
N VAL A 19 -1.63 -2.40 -1.56
CA VAL A 19 -2.19 -3.29 -0.55
C VAL A 19 -3.71 -3.32 -0.63
N GLU A 20 -4.30 -2.20 -1.07
CA GLU A 20 -5.75 -2.11 -1.19
C GLU A 20 -6.24 -2.88 -2.41
N ARG A 21 -5.56 -2.68 -3.54
CA ARG A 21 -5.94 -3.35 -4.78
C ARG A 21 -5.90 -4.87 -4.61
N ALA A 22 -4.97 -5.34 -3.79
CA ALA A 22 -4.83 -6.78 -3.54
C ALA A 22 -6.13 -7.37 -3.00
N VAL A 23 -6.70 -6.71 -2.00
CA VAL A 23 -7.95 -7.17 -1.39
C VAL A 23 -9.15 -6.74 -2.22
N LEU A 24 -9.01 -5.64 -2.95
CA LEU A 24 -10.08 -5.13 -3.78
C LEU A 24 -10.62 -6.21 -4.71
N GLY A 25 -9.72 -7.05 -5.22
CA GLY A 25 -10.12 -8.11 -6.11
C GLY A 25 -9.52 -9.45 -5.71
N GLY A 26 -9.09 -9.56 -4.46
CA GLY A 26 -8.50 -10.80 -3.99
C GLY A 26 -9.41 -11.54 -3.03
N SER A 27 -10.27 -10.81 -2.33
CA SER A 27 -11.19 -11.40 -1.38
C SER A 27 -12.00 -12.53 -2.03
N ARG A 28 -12.72 -13.28 -1.22
CA ARG A 28 -13.53 -14.38 -1.71
C ARG A 28 -12.66 -15.43 -2.42
N ASP A 29 -12.24 -16.45 -1.67
CA ASP A 29 -11.40 -17.51 -2.22
C ASP A 29 -11.08 -18.54 -1.15
N TYR A 30 -10.90 -19.79 -1.58
CA TYR A 30 -10.60 -20.88 -0.67
C TYR A 30 -9.13 -20.83 -0.24
N ASN A 31 -8.79 -19.82 0.56
CA ASN A 31 -7.43 -19.66 1.05
C ASN A 31 -7.31 -18.44 1.95
N LYS A 32 -6.93 -18.68 3.21
CA LYS A 32 -6.79 -17.59 4.17
C LYS A 32 -8.11 -16.85 4.36
N ARG A 1 15.29 17.97 4.60
CA ARG A 1 15.52 16.58 4.23
C ARG A 1 14.20 15.81 4.17
N ARG A 2 13.81 15.42 2.97
CA ARG A 2 12.57 14.67 2.77
C ARG A 2 12.67 13.73 1.58
N SER A 3 12.43 12.45 1.82
CA SER A 3 12.51 11.44 0.77
C SER A 3 12.16 10.06 1.32
N ARG A 4 12.54 9.81 2.57
CA ARG A 4 12.27 8.53 3.21
C ARG A 4 12.19 8.69 4.72
N LYS A 5 11.65 9.82 5.17
CA LYS A 5 11.51 10.09 6.59
C LYS A 5 10.40 11.10 6.85
N ASN A 6 10.36 12.15 6.03
CA ASN A 6 9.34 13.19 6.16
C ASN A 6 7.94 12.58 6.16
N GLY A 7 7.79 11.46 5.47
CA GLY A 7 6.50 10.79 5.40
C GLY A 7 6.45 9.52 6.23
N ILE A 8 6.00 9.64 7.47
CA ILE A 8 5.91 8.49 8.36
C ILE A 8 5.10 7.36 7.73
N GLY A 9 4.18 7.72 6.83
CA GLY A 9 3.36 6.73 6.17
C GLY A 9 2.83 7.21 4.83
N TYR A 10 3.49 8.23 4.27
CA TYR A 10 3.08 8.78 2.99
C TYR A 10 3.41 7.83 1.85
N ALA A 11 4.70 7.53 1.68
CA ALA A 11 5.15 6.63 0.62
C ALA A 11 4.75 5.19 0.93
N ILE A 12 5.06 4.74 2.14
CA ILE A 12 4.74 3.38 2.55
C ILE A 12 3.25 3.09 2.36
N GLY A 13 2.41 3.96 2.89
CA GLY A 13 0.98 3.79 2.76
C GLY A 13 0.51 3.85 1.32
N TYR A 14 1.22 4.61 0.51
CA TYR A 14 0.87 4.76 -0.90
C TYR A 14 0.81 3.40 -1.60
N ALA A 15 1.89 2.63 -1.45
CA ALA A 15 1.95 1.30 -2.06
C ALA A 15 0.97 0.35 -1.41
N PHE A 16 0.81 0.47 -0.09
CA PHE A 16 -0.10 -0.38 0.66
C PHE A 16 -1.54 -0.21 0.17
N GLY A 17 -1.98 1.05 0.08
CA GLY A 17 -3.33 1.33 -0.37
C GLY A 17 -3.61 0.78 -1.75
N ALA A 18 -2.57 0.70 -2.58
CA ALA A 18 -2.70 0.18 -3.94
C ALA A 18 -2.85 -1.34 -3.93
N VAL A 19 -2.03 -1.99 -3.11
CA VAL A 19 -2.05 -3.45 -3.01
C VAL A 19 -3.46 -3.96 -2.71
N GLU A 20 -4.21 -3.16 -1.96
CA GLU A 20 -5.58 -3.52 -1.60
C GLU A 20 -6.53 -3.35 -2.79
N ARG A 21 -6.45 -2.19 -3.43
CA ARG A 21 -7.30 -1.89 -4.58
C ARG A 21 -7.08 -2.92 -5.69
N ALA A 22 -5.87 -3.45 -5.78
CA ALA A 22 -5.53 -4.44 -6.79
C ALA A 22 -6.47 -5.65 -6.70
N VAL A 23 -6.62 -6.19 -5.50
CA VAL A 23 -7.48 -7.35 -5.29
C VAL A 23 -8.94 -6.92 -5.17
N LEU A 24 -9.15 -5.70 -4.70
CA LEU A 24 -10.50 -5.17 -4.53
C LEU A 24 -11.29 -5.26 -5.83
N GLY A 25 -10.60 -5.08 -6.96
CA GLY A 25 -11.24 -5.15 -8.25
C GLY A 25 -11.60 -6.57 -8.65
N GLY A 26 -10.62 -7.46 -8.61
CA GLY A 26 -10.86 -8.84 -8.97
C GLY A 26 -10.99 -9.74 -7.75
N SER A 27 -10.20 -10.81 -7.72
CA SER A 27 -10.23 -11.76 -6.62
C SER A 27 -9.09 -12.76 -6.71
N ARG A 28 -8.07 -12.56 -5.87
CA ARG A 28 -6.90 -13.43 -5.86
C ARG A 28 -6.26 -13.46 -4.49
N ASP A 29 -7.08 -13.54 -3.45
CA ASP A 29 -6.60 -13.58 -2.08
C ASP A 29 -7.75 -13.67 -1.08
N TYR A 30 -7.69 -14.66 -0.21
CA TYR A 30 -8.74 -14.86 0.79
C TYR A 30 -8.24 -15.76 1.92
N ASN A 31 -6.93 -15.75 2.14
CA ASN A 31 -6.33 -16.56 3.18
C ASN A 31 -4.81 -16.38 3.21
N LYS A 32 -4.34 -15.57 4.17
CA LYS A 32 -2.91 -15.32 4.30
C LYS A 32 -2.30 -16.19 5.39
N ARG A 1 17.46 17.91 4.79
CA ARG A 1 17.23 17.16 3.56
C ARG A 1 15.77 16.73 3.44
N ARG A 2 14.95 17.57 2.83
CA ARG A 2 13.53 17.29 2.65
C ARG A 2 13.32 16.15 1.65
N SER A 3 13.30 14.92 2.16
CA SER A 3 13.12 13.75 1.30
C SER A 3 12.82 12.51 2.14
N ARG A 4 13.86 11.98 2.78
CA ARG A 4 13.71 10.79 3.61
C ARG A 4 13.26 11.17 5.02
N LYS A 5 12.16 11.89 5.10
CA LYS A 5 11.61 12.33 6.38
C LYS A 5 10.29 13.05 6.21
N ASN A 6 10.23 13.91 5.19
CA ASN A 6 9.03 14.68 4.91
C ASN A 6 7.83 13.75 4.67
N GLY A 7 8.11 12.55 4.20
CA GLY A 7 7.06 11.58 3.94
C GLY A 7 6.71 10.76 5.16
N ILE A 8 6.01 11.39 6.11
CA ILE A 8 5.62 10.71 7.34
C ILE A 8 4.87 9.41 7.04
N GLY A 9 3.94 9.48 6.10
CA GLY A 9 3.17 8.30 5.72
C GLY A 9 2.97 8.19 4.23
N TYR A 10 3.85 8.84 3.47
CA TYR A 10 3.76 8.80 2.01
C TYR A 10 4.28 7.47 1.47
N ALA A 11 5.54 7.18 1.73
CA ALA A 11 6.15 5.93 1.27
C ALA A 11 5.44 4.72 1.85
N ILE A 12 5.21 4.76 3.17
CA ILE A 12 4.53 3.66 3.85
C ILE A 12 3.13 3.45 3.30
N GLY A 13 2.37 4.54 3.19
CA GLY A 13 1.02 4.45 2.67
C GLY A 13 0.98 4.04 1.21
N TYR A 14 2.02 4.38 0.47
CA TYR A 14 2.11 4.06 -0.94
C TYR A 14 1.95 2.56 -1.16
N ALA A 15 2.74 1.77 -0.45
CA ALA A 15 2.69 0.32 -0.57
C ALA A 15 1.40 -0.23 0.03
N PHE A 16 1.04 0.26 1.22
CA PHE A 16 -0.17 -0.19 1.90
C PHE A 16 -1.38 -0.06 0.97
N GLY A 17 -1.53 1.10 0.35
CA GLY A 17 -2.64 1.32 -0.55
C GLY A 17 -2.74 0.27 -1.63
N ALA A 18 -1.59 -0.21 -2.09
CA ALA A 18 -1.55 -1.23 -3.12
C ALA A 18 -1.93 -2.61 -2.57
N VAL A 19 -1.40 -2.92 -1.39
CA VAL A 19 -1.69 -4.20 -0.76
C VAL A 19 -3.19 -4.44 -0.64
N GLU A 20 -3.94 -3.35 -0.47
CA GLU A 20 -5.39 -3.43 -0.35
C GLU A 20 -6.04 -3.70 -1.71
N ARG A 21 -5.60 -2.97 -2.72
CA ARG A 21 -6.13 -3.12 -4.07
C ARG A 21 -5.94 -4.55 -4.57
N ALA A 22 -4.89 -5.20 -4.09
CA ALA A 22 -4.60 -6.57 -4.49
C ALA A 22 -5.76 -7.50 -4.16
N VAL A 23 -6.24 -7.43 -2.92
CA VAL A 23 -7.34 -8.27 -2.48
C VAL A 23 -8.68 -7.68 -2.92
N LEU A 24 -8.72 -6.37 -3.08
CA LEU A 24 -9.94 -5.68 -3.50
C LEU A 24 -10.47 -6.27 -4.81
N GLY A 25 -9.56 -6.53 -5.74
CA GLY A 25 -9.96 -7.10 -7.02
C GLY A 25 -8.78 -7.33 -7.94
N GLY A 26 -7.73 -7.94 -7.41
CA GLY A 26 -6.55 -8.21 -8.21
C GLY A 26 -6.35 -9.69 -8.49
N SER A 27 -5.62 -10.37 -7.61
CA SER A 27 -5.37 -11.80 -7.77
C SER A 27 -6.65 -12.60 -7.60
N ARG A 28 -7.63 -12.02 -6.92
CA ARG A 28 -8.91 -12.68 -6.70
C ARG A 28 -8.71 -14.00 -5.96
N ASP A 29 -8.78 -13.95 -4.63
CA ASP A 29 -8.61 -15.14 -3.81
C ASP A 29 -8.74 -14.80 -2.32
N TYR A 30 -9.37 -15.70 -1.57
CA TYR A 30 -9.57 -15.49 -0.14
C TYR A 30 -10.00 -16.78 0.54
N ASN A 31 -9.55 -17.90 0.01
CA ASN A 31 -9.88 -19.21 0.56
C ASN A 31 -9.54 -19.27 2.04
N LYS A 32 -8.32 -18.88 2.38
CA LYS A 32 -7.86 -18.89 3.76
C LYS A 32 -6.54 -18.15 3.91
N ARG A 1 9.86 15.25 -4.48
CA ARG A 1 11.15 14.80 -3.97
C ARG A 1 11.02 14.33 -2.52
N ARG A 2 12.14 13.95 -1.92
CA ARG A 2 12.15 13.49 -0.54
C ARG A 2 13.47 13.83 0.15
N SER A 3 13.57 13.52 1.44
CA SER A 3 14.77 13.80 2.20
C SER A 3 14.79 13.02 3.51
N ARG A 4 14.10 11.87 3.51
CA ARG A 4 14.03 11.03 4.70
C ARG A 4 13.56 11.83 5.92
N LYS A 5 12.74 12.84 5.66
CA LYS A 5 12.22 13.69 6.74
C LYS A 5 10.96 14.41 6.30
N ASN A 6 10.97 14.93 5.08
CA ASN A 6 9.82 15.65 4.53
C ASN A 6 8.61 14.73 4.43
N GLY A 7 8.86 13.44 4.25
CA GLY A 7 7.78 12.47 4.14
C GLY A 7 7.59 11.67 5.41
N ILE A 8 6.97 12.29 6.42
CA ILE A 8 6.73 11.62 7.69
C ILE A 8 5.86 10.38 7.50
N GLY A 9 4.93 10.45 6.55
CA GLY A 9 4.05 9.34 6.29
C GLY A 9 3.83 9.10 4.80
N TYR A 10 4.75 9.61 3.99
CA TYR A 10 4.65 9.45 2.55
C TYR A 10 5.06 8.04 2.12
N ALA A 11 6.30 7.68 2.41
CA ALA A 11 6.83 6.37 2.06
C ALA A 11 6.03 5.26 2.75
N ILE A 12 5.80 5.43 4.04
CA ILE A 12 5.04 4.45 4.82
C ILE A 12 3.63 4.28 4.28
N GLY A 13 2.96 5.41 4.07
CA GLY A 13 1.60 5.37 3.55
C GLY A 13 1.53 4.84 2.14
N TYR A 14 2.57 5.09 1.36
CA TYR A 14 2.62 4.63 -0.02
C TYR A 14 2.42 3.12 -0.10
N ALA A 15 3.20 2.38 0.68
CA ALA A 15 3.10 0.92 0.70
C ALA A 15 1.78 0.48 1.32
N PHE A 16 1.44 1.08 2.45
CA PHE A 16 0.20 0.74 3.15
C PHE A 16 -1.00 0.81 2.20
N GLY A 17 -1.05 1.87 1.40
CA GLY A 17 -2.14 2.02 0.46
C GLY A 17 -2.27 0.85 -0.50
N ALA A 18 -1.14 0.26 -0.86
CA ALA A 18 -1.13 -0.87 -1.77
C ALA A 18 -1.59 -2.15 -1.07
N VAL A 19 -1.10 -2.35 0.16
CA VAL A 19 -1.46 -3.53 0.93
C VAL A 19 -2.98 -3.67 1.04
N GLU A 20 -3.68 -2.54 0.97
CA GLU A 20 -5.14 -2.55 1.06
C GLU A 20 -5.76 -3.03 -0.25
N ARG A 21 -5.27 -2.49 -1.36
CA ARG A 21 -5.78 -2.87 -2.68
C ARG A 21 -5.60 -4.37 -2.92
N ALA A 22 -4.58 -4.95 -2.31
CA ALA A 22 -4.31 -6.37 -2.45
C ALA A 22 -5.48 -7.21 -1.97
N VAL A 23 -5.98 -6.90 -0.78
CA VAL A 23 -7.10 -7.62 -0.20
C VAL A 23 -8.42 -7.14 -0.78
N LEU A 24 -8.45 -5.87 -1.19
CA LEU A 24 -9.66 -5.28 -1.76
C LEU A 24 -10.10 -6.05 -3.01
N GLY A 25 -9.14 -6.63 -3.71
CA GLY A 25 -9.44 -7.37 -4.90
C GLY A 25 -10.43 -8.51 -4.65
N GLY A 26 -10.03 -9.44 -3.80
CA GLY A 26 -10.89 -10.57 -3.47
C GLY A 26 -10.53 -11.81 -4.26
N SER A 27 -9.23 -12.10 -4.35
CA SER A 27 -8.75 -13.26 -5.08
C SER A 27 -7.24 -13.42 -4.92
N ARG A 28 -6.82 -14.09 -3.86
CA ARG A 28 -5.40 -14.30 -3.60
C ARG A 28 -4.91 -15.56 -4.31
N ASP A 29 -5.77 -16.16 -5.13
CA ASP A 29 -5.42 -17.36 -5.86
C ASP A 29 -6.59 -17.84 -6.72
N TYR A 30 -7.73 -18.02 -6.09
CA TYR A 30 -8.93 -18.47 -6.80
C TYR A 30 -10.17 -18.37 -5.90
N ASN A 31 -10.23 -17.29 -5.11
CA ASN A 31 -11.35 -17.08 -4.22
C ASN A 31 -11.18 -15.77 -3.45
N LYS A 32 -10.19 -15.73 -2.57
CA LYS A 32 -9.91 -14.55 -1.76
C LYS A 32 -8.58 -14.68 -1.03
N ARG A 1 16.42 7.85 5.51
CA ARG A 1 16.76 9.16 6.05
C ARG A 1 15.60 10.14 5.88
N ARG A 2 14.84 10.33 6.95
CA ARG A 2 13.70 11.24 6.91
C ARG A 2 14.17 12.69 6.79
N SER A 3 13.46 13.46 5.97
CA SER A 3 13.80 14.87 5.77
C SER A 3 12.66 15.62 5.10
N ARG A 4 11.44 15.12 5.30
CA ARG A 4 10.26 15.74 4.71
C ARG A 4 10.33 15.69 3.19
N LYS A 5 10.88 14.61 2.65
CA LYS A 5 11.00 14.44 1.20
C LYS A 5 10.89 12.97 0.82
N ASN A 6 11.55 12.11 1.59
CA ASN A 6 11.52 10.68 1.33
C ASN A 6 10.10 10.14 1.35
N GLY A 7 9.23 10.80 2.12
CA GLY A 7 7.85 10.39 2.21
C GLY A 7 7.63 9.36 3.31
N ILE A 8 6.85 9.73 4.31
CA ILE A 8 6.56 8.84 5.43
C ILE A 8 5.65 7.70 5.00
N GLY A 9 4.74 7.99 4.08
CA GLY A 9 3.81 6.98 3.59
C GLY A 9 3.53 7.12 2.11
N TYR A 10 4.42 7.81 1.40
CA TYR A 10 4.25 8.02 -0.04
C TYR A 10 4.48 6.72 -0.80
N ALA A 11 5.68 6.17 -0.67
CA ALA A 11 6.04 4.94 -1.35
C ALA A 11 5.31 3.75 -0.72
N ILE A 12 5.35 3.66 0.60
CA ILE A 12 4.70 2.57 1.31
C ILE A 12 3.20 2.56 1.05
N GLY A 13 2.58 3.72 1.19
CA GLY A 13 1.14 3.84 0.97
C GLY A 13 0.76 3.54 -0.47
N TYR A 14 1.68 3.81 -1.39
CA TYR A 14 1.43 3.58 -2.80
C TYR A 14 1.01 2.13 -3.05
N ALA A 15 1.82 1.19 -2.56
CA ALA A 15 1.51 -0.23 -2.72
C ALA A 15 0.30 -0.64 -1.89
N PHE A 16 0.28 -0.22 -0.63
CA PHE A 16 -0.84 -0.54 0.26
C PHE A 16 -2.17 -0.17 -0.38
N GLY A 17 -2.30 1.09 -0.77
CA GLY A 17 -3.53 1.55 -1.39
C GLY A 17 -3.91 0.73 -2.60
N ALA A 18 -2.91 0.23 -3.32
CA ALA A 18 -3.16 -0.57 -4.51
C ALA A 18 -3.61 -1.99 -4.13
N VAL A 19 -2.96 -2.56 -3.12
CA VAL A 19 -3.30 -3.90 -2.67
C VAL A 19 -4.79 -4.02 -2.34
N GLU A 20 -5.37 -2.91 -1.88
CA GLU A 20 -6.78 -2.88 -1.53
C GLU A 20 -7.65 -2.84 -2.78
N ARG A 21 -7.28 -1.98 -3.72
CA ARG A 21 -8.03 -1.84 -4.96
C ARG A 21 -8.09 -3.17 -5.71
N ALA A 22 -7.06 -3.98 -5.55
CA ALA A 22 -7.00 -5.28 -6.22
C ALA A 22 -8.19 -6.14 -5.83
N VAL A 23 -8.46 -6.24 -4.53
CA VAL A 23 -9.57 -7.05 -4.04
C VAL A 23 -10.88 -6.28 -4.15
N LEU A 24 -10.80 -4.96 -4.00
CA LEU A 24 -12.00 -4.11 -4.09
C LEU A 24 -12.76 -4.37 -5.38
N GLY A 25 -12.03 -4.57 -6.47
CA GLY A 25 -12.67 -4.84 -7.75
C GLY A 25 -12.60 -6.30 -8.14
N GLY A 26 -13.34 -7.13 -7.41
CA GLY A 26 -13.36 -8.55 -7.70
C GLY A 26 -13.50 -9.40 -6.44
N SER A 27 -12.49 -10.20 -6.15
CA SER A 27 -12.51 -11.07 -4.97
C SER A 27 -11.22 -11.86 -4.85
N ARG A 28 -10.69 -11.97 -3.64
CA ARG A 28 -9.45 -12.69 -3.39
C ARG A 28 -9.38 -13.17 -1.94
N ASP A 29 -10.40 -13.89 -1.51
CA ASP A 29 -10.45 -14.40 -0.15
C ASP A 29 -9.23 -15.25 0.16
N TYR A 30 -8.28 -14.67 0.89
CA TYR A 30 -7.05 -15.38 1.25
C TYR A 30 -6.27 -14.60 2.31
N ASN A 31 -6.03 -15.24 3.44
CA ASN A 31 -5.29 -14.61 4.53
C ASN A 31 -3.93 -14.11 4.04
N LYS A 32 -3.03 -15.04 3.75
CA LYS A 32 -1.69 -14.69 3.27
C LYS A 32 -1.65 -14.69 1.74
N ARG A 1 17.48 10.34 -0.04
CA ARG A 1 16.51 11.43 -0.04
C ARG A 1 15.39 11.16 0.98
N ARG A 2 14.73 12.22 1.41
CA ARG A 2 13.65 12.09 2.39
C ARG A 2 12.49 11.30 1.80
N SER A 3 12.27 10.10 2.33
CA SER A 3 11.20 9.24 1.86
C SER A 3 11.17 7.93 2.64
N ARG A 4 12.35 7.44 3.01
CA ARG A 4 12.46 6.19 3.76
C ARG A 4 12.32 6.45 5.26
N LYS A 5 12.02 7.70 5.62
CA LYS A 5 11.86 8.07 7.01
C LYS A 5 10.87 9.22 7.15
N ASN A 6 10.99 10.20 6.27
CA ASN A 6 10.11 11.37 6.29
C ASN A 6 8.69 10.98 5.91
N GLY A 7 8.55 9.90 5.15
CA GLY A 7 7.25 9.44 4.73
C GLY A 7 6.48 8.78 5.85
N ILE A 8 5.83 9.59 6.68
CA ILE A 8 5.06 9.07 7.80
C ILE A 8 3.89 8.22 7.32
N GLY A 9 3.37 8.56 6.14
CA GLY A 9 2.25 7.81 5.59
C GLY A 9 2.29 7.76 4.07
N TYR A 10 3.46 8.01 3.50
CA TYR A 10 3.62 7.99 2.05
C TYR A 10 3.64 6.56 1.52
N ALA A 11 4.58 5.77 2.00
CA ALA A 11 4.70 4.37 1.59
C ALA A 11 3.55 3.54 2.12
N ILE A 12 3.32 3.60 3.42
CA ILE A 12 2.24 2.85 4.05
C ILE A 12 0.91 3.13 3.38
N GLY A 13 0.59 4.41 3.22
CA GLY A 13 -0.66 4.80 2.58
C GLY A 13 -0.74 4.32 1.14
N TYR A 14 0.39 4.29 0.46
CA TYR A 14 0.44 3.86 -0.92
C TYR A 14 -0.14 2.46 -1.09
N ALA A 15 0.37 1.53 -0.28
CA ALA A 15 -0.10 0.15 -0.33
C ALA A 15 -1.54 0.04 0.19
N PHE A 16 -1.87 0.84 1.19
CA PHE A 16 -3.21 0.83 1.77
C PHE A 16 -4.27 1.08 0.69
N GLY A 17 -4.09 2.15 -0.07
CA GLY A 17 -5.05 2.48 -1.11
C GLY A 17 -5.24 1.34 -2.09
N ALA A 18 -4.19 0.59 -2.34
CA ALA A 18 -4.25 -0.54 -3.27
C ALA A 18 -4.96 -1.73 -2.62
N VAL A 19 -4.64 -1.99 -1.36
CA VAL A 19 -5.24 -3.11 -0.63
C VAL A 19 -6.76 -3.02 -0.68
N GLU A 20 -7.28 -1.80 -0.80
CA GLU A 20 -8.72 -1.59 -0.85
C GLU A 20 -9.28 -1.98 -2.22
N ARG A 21 -8.57 -1.58 -3.27
CA ARG A 21 -9.00 -1.88 -4.63
C ARG A 21 -9.13 -3.38 -4.84
N ALA A 22 -8.31 -4.15 -4.12
CA ALA A 22 -8.34 -5.60 -4.22
C ALA A 22 -9.70 -6.16 -3.81
N VAL A 23 -10.23 -5.64 -2.70
CA VAL A 23 -11.52 -6.10 -2.19
C VAL A 23 -12.66 -5.40 -2.92
N LEU A 24 -12.44 -4.14 -3.31
CA LEU A 24 -13.45 -3.38 -4.02
C LEU A 24 -13.87 -4.07 -5.31
N GLY A 25 -12.93 -4.80 -5.91
CA GLY A 25 -13.22 -5.52 -7.14
C GLY A 25 -13.29 -7.02 -6.94
N GLY A 26 -12.22 -7.59 -6.42
CA GLY A 26 -12.18 -9.03 -6.19
C GLY A 26 -10.79 -9.60 -6.35
N SER A 27 -10.47 -10.62 -5.56
CA SER A 27 -9.16 -11.26 -5.61
C SER A 27 -9.13 -12.51 -4.74
N ARG A 28 -8.03 -13.25 -4.82
CA ARG A 28 -7.87 -14.47 -4.04
C ARG A 28 -6.40 -14.77 -3.79
N ASP A 29 -5.66 -13.78 -3.30
CA ASP A 29 -4.25 -13.94 -3.02
C ASP A 29 -3.66 -12.65 -2.46
N TYR A 30 -2.58 -12.77 -1.68
CA TYR A 30 -1.93 -11.62 -1.09
C TYR A 30 -0.52 -11.97 -0.62
N ASN A 31 0.47 -11.28 -1.17
CA ASN A 31 1.87 -11.52 -0.81
C ASN A 31 2.80 -10.57 -1.58
N LYS A 32 3.55 -9.78 -0.84
CA LYS A 32 4.48 -8.83 -1.44
C LYS A 32 5.81 -9.51 -1.76
N ARG A 1 20.19 11.79 4.78
CA ARG A 1 19.32 12.36 5.80
C ARG A 1 17.95 12.68 5.21
N ARG A 2 17.15 11.65 4.98
CA ARG A 2 15.81 11.82 4.42
C ARG A 2 14.81 12.19 5.52
N SER A 3 13.87 13.06 5.18
CA SER A 3 12.85 13.49 6.13
C SER A 3 11.73 14.25 5.42
N ARG A 4 12.02 15.48 5.02
CA ARG A 4 11.02 16.31 4.34
C ARG A 4 11.03 16.03 2.84
N LYS A 5 10.87 14.76 2.48
CA LYS A 5 10.86 14.35 1.08
C LYS A 5 10.40 12.90 0.94
N ASN A 6 10.84 12.05 1.86
CA ASN A 6 10.48 10.64 1.83
C ASN A 6 8.97 10.47 1.79
N GLY A 7 8.25 11.40 2.40
CA GLY A 7 6.80 11.34 2.42
C GLY A 7 6.28 10.27 3.36
N ILE A 8 5.80 10.69 4.52
CA ILE A 8 5.27 9.77 5.52
C ILE A 8 4.06 9.01 4.97
N GLY A 9 2.95 9.71 4.82
CA GLY A 9 1.74 9.10 4.31
C GLY A 9 1.90 8.58 2.90
N TYR A 10 2.90 9.11 2.19
CA TYR A 10 3.16 8.70 0.81
C TYR A 10 3.53 7.22 0.75
N ALA A 11 4.50 6.82 1.56
CA ALA A 11 4.95 5.43 1.60
C ALA A 11 3.90 4.54 2.24
N ILE A 12 3.51 4.85 3.46
CA ILE A 12 2.51 4.08 4.18
C ILE A 12 1.24 3.91 3.35
N GLY A 13 0.77 5.02 2.78
CA GLY A 13 -0.43 4.98 1.97
C GLY A 13 -0.25 4.14 0.72
N TYR A 14 0.97 4.09 0.21
CA TYR A 14 1.26 3.32 -1.00
C TYR A 14 0.83 1.86 -0.83
N ALA A 15 1.28 1.25 0.26
CA ALA A 15 0.94 -0.15 0.53
C ALA A 15 -0.55 -0.30 0.85
N PHE A 16 -1.07 0.66 1.61
CA PHE A 16 -2.49 0.63 2.00
C PHE A 16 -3.38 0.60 0.77
N GLY A 17 -3.17 1.56 -0.14
CA GLY A 17 -3.96 1.63 -1.35
C GLY A 17 -3.95 0.33 -2.13
N ALA A 18 -2.83 -0.37 -2.09
CA ALA A 18 -2.67 -1.63 -2.79
C ALA A 18 -3.41 -2.76 -2.07
N VAL A 19 -3.28 -2.78 -0.75
CA VAL A 19 -3.94 -3.81 0.06
C VAL A 19 -5.43 -3.86 -0.23
N GLU A 20 -5.99 -2.72 -0.61
CA GLU A 20 -7.42 -2.63 -0.91
C GLU A 20 -7.73 -3.25 -2.26
N ARG A 21 -6.93 -2.90 -3.27
CA ARG A 21 -7.11 -3.42 -4.61
C ARG A 21 -7.02 -4.94 -4.62
N ALA A 22 -6.18 -5.49 -3.76
CA ALA A 22 -6.00 -6.93 -3.66
C ALA A 22 -7.33 -7.63 -3.38
N VAL A 23 -8.06 -7.13 -2.39
CA VAL A 23 -9.34 -7.70 -2.02
C VAL A 23 -10.45 -7.22 -2.94
N LEU A 24 -10.29 -6.01 -3.48
CA LEU A 24 -11.27 -5.44 -4.38
C LEU A 24 -11.58 -6.40 -5.53
N GLY A 25 -10.56 -7.14 -5.97
CA GLY A 25 -10.75 -8.10 -7.05
C GLY A 25 -11.43 -9.37 -6.60
N GLY A 26 -10.93 -9.94 -5.50
CA GLY A 26 -11.51 -11.17 -4.99
C GLY A 26 -10.94 -12.40 -5.66
N SER A 27 -10.56 -13.39 -4.85
CA SER A 27 -9.99 -14.63 -5.36
C SER A 27 -9.79 -15.65 -4.24
N ARG A 28 -9.87 -16.92 -4.60
CA ARG A 28 -9.69 -17.99 -3.61
C ARG A 28 -8.22 -18.26 -3.35
N ASP A 29 -7.53 -17.25 -2.82
CA ASP A 29 -6.11 -17.37 -2.51
C ASP A 29 -5.57 -16.08 -1.91
N TYR A 30 -4.43 -16.18 -1.25
CA TYR A 30 -3.81 -15.01 -0.62
C TYR A 30 -4.82 -14.24 0.23
N ASN A 31 -5.32 -14.90 1.28
CA ASN A 31 -6.29 -14.27 2.16
C ASN A 31 -5.78 -12.94 2.69
N LYS A 32 -4.47 -12.82 2.80
CA LYS A 32 -3.84 -11.59 3.29
C LYS A 32 -4.39 -11.21 4.66
N ARG A 1 20.23 10.02 3.73
CA ARG A 1 19.22 9.44 2.86
C ARG A 1 17.95 10.29 2.87
N ARG A 2 18.04 11.49 2.31
CA ARG A 2 16.91 12.41 2.25
C ARG A 2 15.86 11.91 1.26
N SER A 3 14.93 11.11 1.76
CA SER A 3 13.87 10.55 0.92
C SER A 3 12.73 9.99 1.77
N ARG A 4 13.10 9.33 2.86
CA ARG A 4 12.12 8.74 3.76
C ARG A 4 11.62 9.76 4.78
N LYS A 5 11.16 10.90 4.29
CA LYS A 5 10.66 11.97 5.15
C LYS A 5 10.05 13.09 4.32
N ASN A 6 10.70 13.43 3.22
CA ASN A 6 10.22 14.49 2.34
C ASN A 6 8.87 14.14 1.74
N GLY A 7 8.63 12.84 1.58
CA GLY A 7 7.36 12.39 1.01
C GLY A 7 6.32 12.12 2.07
N ILE A 8 5.55 13.16 2.42
CA ILE A 8 4.50 13.03 3.43
C ILE A 8 3.33 12.19 2.91
N GLY A 9 2.56 12.78 1.99
CA GLY A 9 1.43 12.08 1.43
C GLY A 9 1.84 10.88 0.60
N TYR A 10 3.09 10.85 0.17
CA TYR A 10 3.60 9.75 -0.63
C TYR A 10 3.60 8.45 0.17
N ALA A 11 4.22 8.48 1.33
CA ALA A 11 4.29 7.29 2.19
C ALA A 11 2.91 6.93 2.73
N ILE A 12 2.28 7.86 3.42
CA ILE A 12 0.96 7.65 3.99
C ILE A 12 -0.02 7.17 2.92
N GLY A 13 -0.04 7.88 1.79
CA GLY A 13 -0.94 7.52 0.70
C GLY A 13 -0.64 6.14 0.14
N TYR A 14 0.62 5.75 0.21
CA TYR A 14 1.03 4.44 -0.31
C TYR A 14 0.25 3.32 0.36
N ALA A 15 0.22 3.32 1.68
CA ALA A 15 -0.50 2.31 2.44
C ALA A 15 -2.01 2.44 2.23
N PHE A 16 -2.49 3.68 2.20
CA PHE A 16 -3.91 3.94 2.01
C PHE A 16 -4.41 3.33 0.71
N GLY A 17 -3.78 3.68 -0.40
CA GLY A 17 -4.18 3.15 -1.69
C GLY A 17 -4.20 1.62 -1.71
N ALA A 18 -3.34 1.01 -0.91
CA ALA A 18 -3.26 -0.44 -0.83
C ALA A 18 -4.43 -1.00 -0.04
N VAL A 19 -4.76 -0.35 1.08
CA VAL A 19 -5.87 -0.80 1.92
C VAL A 19 -7.15 -0.96 1.12
N GLU A 20 -7.28 -0.16 0.06
CA GLU A 20 -8.45 -0.22 -0.80
C GLU A 20 -8.43 -1.45 -1.70
N ARG A 21 -7.30 -1.65 -2.37
CA ARG A 21 -7.13 -2.79 -3.27
C ARG A 21 -7.29 -4.10 -2.51
N ALA A 22 -6.88 -4.10 -1.24
CA ALA A 22 -6.98 -5.29 -0.40
C ALA A 22 -8.43 -5.78 -0.31
N VAL A 23 -9.34 -4.86 -0.04
CA VAL A 23 -10.76 -5.19 0.08
C VAL A 23 -11.41 -5.30 -1.29
N LEU A 24 -10.90 -4.53 -2.25
CA LEU A 24 -11.43 -4.54 -3.61
C LEU A 24 -11.48 -5.95 -4.16
N GLY A 25 -10.51 -6.78 -3.77
CA GLY A 25 -10.46 -8.15 -4.23
C GLY A 25 -10.28 -9.15 -3.11
N GLY A 26 -10.80 -8.81 -1.93
CA GLY A 26 -10.67 -9.68 -0.77
C GLY A 26 -9.27 -9.71 -0.22
N SER A 27 -9.16 -9.90 1.10
CA SER A 27 -7.85 -9.94 1.76
C SER A 27 -7.01 -11.10 1.23
N ARG A 28 -7.69 -12.10 0.68
CA ARG A 28 -7.00 -13.27 0.14
C ARG A 28 -7.97 -14.19 -0.60
N ASP A 29 -7.71 -14.41 -1.88
CA ASP A 29 -8.57 -15.27 -2.70
C ASP A 29 -8.69 -16.66 -2.08
N TYR A 30 -7.55 -17.33 -1.92
CA TYR A 30 -7.53 -18.66 -1.35
C TYR A 30 -6.12 -19.03 -0.89
N ASN A 31 -5.14 -18.81 -1.75
CA ASN A 31 -3.75 -19.11 -1.43
C ASN A 31 -2.83 -18.75 -2.59
N LYS A 32 -3.00 -17.54 -3.12
CA LYS A 32 -2.19 -17.07 -4.23
C LYS A 32 -2.43 -15.58 -4.49
N ARG A 1 16.54 17.70 2.50
CA ARG A 1 15.21 17.35 2.02
C ARG A 1 14.66 16.15 2.78
N ARG A 2 13.70 16.42 3.66
CA ARG A 2 13.08 15.37 4.46
C ARG A 2 12.36 14.36 3.57
N SER A 3 12.76 13.10 3.70
CA SER A 3 12.17 12.03 2.90
C SER A 3 12.51 10.66 3.49
N ARG A 4 12.74 10.63 4.80
CA ARG A 4 13.08 9.38 5.49
C ARG A 4 12.74 9.47 6.96
N LYS A 5 11.76 10.31 7.29
CA LYS A 5 11.33 10.48 8.68
C LYS A 5 9.92 11.04 8.74
N ASN A 6 9.65 12.07 7.93
CA ASN A 6 8.33 12.69 7.90
C ASN A 6 7.26 11.68 7.50
N GLY A 7 7.67 10.65 6.77
CA GLY A 7 6.73 9.63 6.34
C GLY A 7 7.34 8.24 6.37
N ILE A 8 7.45 7.67 7.57
CA ILE A 8 8.02 6.35 7.73
C ILE A 8 7.32 5.33 6.83
N GLY A 9 5.98 5.42 6.79
CA GLY A 9 5.21 4.50 5.96
C GLY A 9 4.13 5.21 5.17
N TYR A 10 4.31 6.52 4.97
CA TYR A 10 3.34 7.31 4.22
C TYR A 10 3.45 7.03 2.72
N ALA A 11 4.64 7.29 2.17
CA ALA A 11 4.87 7.07 0.75
C ALA A 11 4.91 5.58 0.42
N ILE A 12 5.71 4.83 1.18
CA ILE A 12 5.84 3.40 0.97
C ILE A 12 4.47 2.71 1.00
N GLY A 13 3.70 2.99 2.06
CA GLY A 13 2.39 2.40 2.18
C GLY A 13 1.45 2.83 1.08
N TYR A 14 1.63 4.05 0.58
CA TYR A 14 0.78 4.58 -0.48
C TYR A 14 0.80 3.65 -1.69
N ALA A 15 2.00 3.32 -2.16
CA ALA A 15 2.16 2.44 -3.31
C ALA A 15 1.70 1.02 -2.98
N PHE A 16 1.99 0.57 -1.77
CA PHE A 16 1.61 -0.77 -1.34
C PHE A 16 0.09 -0.93 -1.37
N GLY A 17 -0.62 0.04 -0.82
CA GLY A 17 -2.07 -0.02 -0.79
C GLY A 17 -2.68 -0.14 -2.17
N ALA A 18 -2.01 0.45 -3.16
CA ALA A 18 -2.49 0.40 -4.53
C ALA A 18 -2.24 -0.97 -5.16
N VAL A 19 -1.04 -1.51 -4.92
CA VAL A 19 -0.68 -2.82 -5.45
C VAL A 19 -1.72 -3.87 -5.09
N GLU A 20 -2.34 -3.71 -3.93
CA GLU A 20 -3.37 -4.64 -3.48
C GLU A 20 -4.67 -4.44 -4.23
N ARG A 21 -5.07 -3.18 -4.39
CA ARG A 21 -6.30 -2.85 -5.10
C ARG A 21 -6.28 -3.40 -6.51
N ALA A 22 -5.08 -3.50 -7.08
CA ALA A 22 -4.93 -4.02 -8.44
C ALA A 22 -5.47 -5.44 -8.55
N VAL A 23 -5.06 -6.30 -7.63
CA VAL A 23 -5.50 -7.69 -7.63
C VAL A 23 -6.88 -7.83 -7.00
N LEU A 24 -7.22 -6.89 -6.11
CA LEU A 24 -8.51 -6.90 -5.44
C LEU A 24 -9.65 -6.86 -6.44
N GLY A 25 -9.45 -6.13 -7.53
CA GLY A 25 -10.47 -6.02 -8.56
C GLY A 25 -10.69 -7.32 -9.29
N GLY A 26 -9.71 -8.22 -9.23
CA GLY A 26 -9.82 -9.49 -9.89
C GLY A 26 -9.40 -10.66 -9.01
N SER A 27 -9.88 -10.66 -7.77
CA SER A 27 -9.55 -11.71 -6.83
C SER A 27 -10.41 -11.60 -5.57
N ARG A 28 -10.65 -12.74 -4.92
CA ARG A 28 -11.45 -12.77 -3.71
C ARG A 28 -11.07 -13.96 -2.83
N ASP A 29 -9.84 -14.43 -2.99
CA ASP A 29 -9.33 -15.56 -2.21
C ASP A 29 -9.47 -15.29 -0.72
N TYR A 30 -9.24 -14.04 -0.33
CA TYR A 30 -9.33 -13.65 1.08
C TYR A 30 -8.53 -14.61 1.96
N ASN A 31 -7.21 -14.55 1.85
CA ASN A 31 -6.34 -15.41 2.64
C ASN A 31 -6.66 -15.30 4.13
N LYS A 32 -6.53 -14.09 4.68
CA LYS A 32 -6.80 -13.85 6.08
C LYS A 32 -7.14 -12.39 6.32
N ARG A 1 18.77 16.40 8.37
CA ARG A 1 18.16 17.00 7.20
C ARG A 1 17.50 15.94 6.32
N ARG A 2 16.20 15.74 6.52
CA ARG A 2 15.45 14.76 5.76
C ARG A 2 13.99 15.19 5.60
N SER A 3 13.53 15.20 4.35
CA SER A 3 12.16 15.60 4.06
C SER A 3 11.75 15.17 2.64
N ARG A 4 12.40 14.12 2.15
CA ARG A 4 12.11 13.60 0.81
C ARG A 4 12.70 12.20 0.63
N LYS A 5 12.58 11.37 1.66
CA LYS A 5 13.09 10.01 1.62
C LYS A 5 12.50 9.17 2.74
N ASN A 6 12.41 9.76 3.93
CA ASN A 6 11.88 9.06 5.09
C ASN A 6 10.44 8.59 4.82
N GLY A 7 9.72 9.35 4.00
CA GLY A 7 8.35 9.00 3.68
C GLY A 7 7.44 9.04 4.89
N ILE A 8 6.81 10.17 5.11
CA ILE A 8 5.90 10.33 6.25
C ILE A 8 4.72 9.37 6.15
N GLY A 9 4.03 9.41 5.02
CA GLY A 9 2.88 8.53 4.82
C GLY A 9 2.84 7.94 3.43
N TYR A 10 3.98 7.94 2.75
CA TYR A 10 4.07 7.40 1.40
C TYR A 10 4.07 5.88 1.41
N ALA A 11 5.07 5.30 2.06
CA ALA A 11 5.18 3.85 2.15
C ALA A 11 3.98 3.25 2.88
N ILE A 12 3.61 3.84 4.00
CA ILE A 12 2.47 3.37 4.78
C ILE A 12 1.18 3.45 3.97
N GLY A 13 0.95 4.60 3.36
CA GLY A 13 -0.25 4.78 2.56
C GLY A 13 -0.27 3.90 1.33
N TYR A 14 0.91 3.60 0.80
CA TYR A 14 1.03 2.77 -0.39
C TYR A 14 0.33 1.43 -0.19
N ALA A 15 0.67 0.75 0.91
CA ALA A 15 0.08 -0.54 1.22
C ALA A 15 -1.39 -0.39 1.61
N PHE A 16 -1.68 0.61 2.44
CA PHE A 16 -3.03 0.85 2.90
C PHE A 16 -3.99 0.96 1.72
N GLY A 17 -3.67 1.86 0.79
CA GLY A 17 -4.51 2.04 -0.38
C GLY A 17 -4.75 0.75 -1.13
N ALA A 18 -3.76 -0.14 -1.12
CA ALA A 18 -3.87 -1.42 -1.80
C ALA A 18 -4.78 -2.38 -1.04
N VAL A 19 -4.62 -2.41 0.28
CA VAL A 19 -5.42 -3.28 1.12
C VAL A 19 -6.91 -3.07 0.87
N GLU A 20 -7.27 -1.84 0.52
CA GLU A 20 -8.67 -1.50 0.26
C GLU A 20 -9.10 -2.04 -1.10
N ARG A 21 -8.35 -1.71 -2.13
CA ARG A 21 -8.66 -2.15 -3.48
C ARG A 21 -8.71 -3.67 -3.56
N ALA A 22 -7.95 -4.33 -2.70
CA ALA A 22 -7.92 -5.78 -2.66
C ALA A 22 -9.30 -6.37 -2.38
N VAL A 23 -9.95 -5.85 -1.33
CA VAL A 23 -11.27 -6.31 -0.96
C VAL A 23 -12.34 -5.65 -1.82
N LEU A 24 -12.05 -4.45 -2.30
CA LEU A 24 -12.99 -3.71 -3.13
C LEU A 24 -13.40 -4.53 -4.35
N GLY A 25 -12.50 -5.38 -4.82
CA GLY A 25 -12.78 -6.20 -5.97
C GLY A 25 -12.42 -7.67 -5.75
N GLY A 26 -13.14 -8.31 -4.84
CA GLY A 26 -12.89 -9.71 -4.54
C GLY A 26 -11.95 -9.89 -3.36
N SER A 27 -10.69 -10.16 -3.64
CA SER A 27 -9.69 -10.37 -2.60
C SER A 27 -8.33 -10.68 -3.19
N ARG A 28 -8.32 -11.39 -4.31
CA ARG A 28 -7.09 -11.76 -4.99
C ARG A 28 -6.18 -12.57 -4.07
N ASP A 29 -6.36 -13.88 -4.10
CA ASP A 29 -5.57 -14.79 -3.27
C ASP A 29 -5.96 -16.24 -3.50
N TYR A 30 -4.97 -17.10 -3.69
CA TYR A 30 -5.23 -18.51 -3.93
C TYR A 30 -3.96 -19.33 -3.72
N ASN A 31 -3.45 -19.33 -2.49
CA ASN A 31 -2.24 -20.08 -2.17
C ASN A 31 -1.88 -19.92 -0.69
N LYS A 32 -2.65 -20.56 0.18
CA LYS A 32 -2.42 -20.49 1.61
C LYS A 32 -1.22 -21.35 2.02
N ARG A 1 16.68 18.98 7.80
CA ARG A 1 17.07 17.57 7.79
C ARG A 1 16.04 16.73 7.05
N ARG A 2 16.45 15.51 6.69
CA ARG A 2 15.56 14.60 5.97
C ARG A 2 14.55 13.97 6.91
N SER A 3 13.38 14.60 7.02
CA SER A 3 12.32 14.09 7.89
C SER A 3 10.99 14.74 7.56
N ARG A 4 10.84 15.17 6.31
CA ARG A 4 9.60 15.82 5.87
C ARG A 4 9.64 16.08 4.36
N LYS A 5 10.29 15.17 3.64
CA LYS A 5 10.39 15.29 2.18
C LYS A 5 10.59 13.93 1.53
N ASN A 6 11.43 13.10 2.14
CA ASN A 6 11.70 11.77 1.63
C ASN A 6 10.43 10.94 1.57
N GLY A 7 9.48 11.26 2.43
CA GLY A 7 8.23 10.53 2.47
C GLY A 7 8.17 9.53 3.60
N ILE A 8 7.66 9.96 4.75
CA ILE A 8 7.55 9.08 5.92
C ILE A 8 6.84 7.79 5.56
N GLY A 9 5.72 7.90 4.85
CA GLY A 9 4.96 6.74 4.46
C GLY A 9 4.29 6.90 3.10
N TYR A 10 4.86 7.76 2.26
CA TYR A 10 4.32 8.01 0.94
C TYR A 10 4.65 6.86 -0.01
N ALA A 11 5.94 6.65 -0.23
CA ALA A 11 6.40 5.58 -1.11
C ALA A 11 5.99 4.21 -0.59
N ILE A 12 6.21 3.99 0.71
CA ILE A 12 5.86 2.72 1.34
C ILE A 12 4.38 2.45 1.23
N GLY A 13 3.56 3.45 1.57
CA GLY A 13 2.12 3.29 1.50
C GLY A 13 1.62 3.15 0.09
N TYR A 14 2.33 3.76 -0.86
CA TYR A 14 1.96 3.70 -2.27
C TYR A 14 2.13 2.29 -2.83
N ALA A 15 3.32 1.73 -2.63
CA ALA A 15 3.62 0.38 -3.11
C ALA A 15 2.69 -0.65 -2.46
N PHE A 16 2.56 -0.56 -1.14
CA PHE A 16 1.72 -1.48 -0.40
C PHE A 16 0.30 -1.53 -0.99
N GLY A 17 -0.30 -0.36 -1.17
CA GLY A 17 -1.64 -0.28 -1.72
C GLY A 17 -1.74 -0.98 -3.06
N ALA A 18 -0.68 -0.94 -3.85
CA ALA A 18 -0.66 -1.58 -5.15
C ALA A 18 -0.53 -3.09 -5.03
N VAL A 19 0.36 -3.53 -4.12
CA VAL A 19 0.59 -4.95 -3.91
C VAL A 19 -0.73 -5.67 -3.61
N GLU A 20 -1.65 -4.97 -2.98
CA GLU A 20 -2.95 -5.55 -2.63
C GLU A 20 -3.85 -5.64 -3.86
N ARG A 21 -3.89 -4.57 -4.65
CA ARG A 21 -4.71 -4.52 -5.85
C ARG A 21 -4.31 -5.65 -6.80
N ALA A 22 -3.04 -6.01 -6.79
CA ALA A 22 -2.52 -7.06 -7.66
C ALA A 22 -3.20 -8.40 -7.34
N VAL A 23 -3.30 -8.72 -6.06
CA VAL A 23 -3.92 -9.97 -5.63
C VAL A 23 -5.44 -9.85 -5.60
N LEU A 24 -5.92 -8.63 -5.43
CA LEU A 24 -7.36 -8.37 -5.39
C LEU A 24 -8.02 -8.79 -6.69
N GLY A 25 -7.25 -8.79 -7.77
CA GLY A 25 -7.79 -9.17 -9.07
C GLY A 25 -8.00 -10.66 -9.18
N GLY A 26 -6.97 -11.44 -8.87
CA GLY A 26 -7.06 -12.88 -8.95
C GLY A 26 -7.20 -13.53 -7.58
N SER A 27 -8.05 -12.94 -6.74
CA SER A 27 -8.27 -13.47 -5.40
C SER A 27 -9.37 -12.68 -4.68
N ARG A 28 -10.28 -13.40 -4.04
CA ARG A 28 -11.38 -12.76 -3.31
C ARG A 28 -11.84 -13.64 -2.16
N ASP A 29 -10.93 -14.45 -1.63
CA ASP A 29 -11.25 -15.34 -0.52
C ASP A 29 -11.84 -14.56 0.65
N TYR A 30 -13.15 -14.66 0.81
CA TYR A 30 -13.85 -13.97 1.89
C TYR A 30 -13.30 -14.37 3.25
N ASN A 31 -13.29 -15.67 3.51
CA ASN A 31 -12.78 -16.20 4.77
C ASN A 31 -11.31 -15.83 4.95
N LYS A 32 -11.05 -14.69 5.59
CA LYS A 32 -9.70 -14.23 5.83
C LYS A 32 -8.93 -14.07 4.52
N ARG A 1 18.52 17.50 1.12
CA ARG A 1 18.44 17.13 2.53
C ARG A 1 17.02 16.76 2.93
N ARG A 2 16.72 15.47 2.91
CA ARG A 2 15.39 14.99 3.27
C ARG A 2 15.47 13.60 3.89
N SER A 3 14.83 13.44 5.05
CA SER A 3 14.83 12.17 5.75
C SER A 3 13.76 12.14 6.83
N ARG A 4 12.68 11.41 6.57
CA ARG A 4 11.58 11.31 7.52
C ARG A 4 11.08 12.68 7.93
N LYS A 5 10.74 13.51 6.94
CA LYS A 5 10.26 14.86 7.21
C LYS A 5 9.56 15.44 5.98
N ASN A 6 8.85 14.58 5.25
CA ASN A 6 8.14 15.00 4.06
C ASN A 6 7.40 13.83 3.42
N GLY A 7 8.00 12.65 3.50
CA GLY A 7 7.40 11.46 2.93
C GLY A 7 7.53 10.24 3.83
N ILE A 8 7.20 10.41 5.11
CA ILE A 8 7.29 9.33 6.07
C ILE A 8 6.55 8.10 5.57
N GLY A 9 5.42 8.32 4.91
CA GLY A 9 4.63 7.22 4.38
C GLY A 9 3.95 7.56 3.07
N TYR A 10 4.48 8.56 2.38
CA TYR A 10 3.91 8.98 1.10
C TYR A 10 4.24 7.98 0.00
N ALA A 11 5.53 7.77 -0.25
CA ALA A 11 5.97 6.84 -1.27
C ALA A 11 5.68 5.39 -0.86
N ILE A 12 6.01 5.07 0.39
CA ILE A 12 5.77 3.72 0.91
C ILE A 12 4.30 3.35 0.85
N GLY A 13 3.45 4.26 1.33
CA GLY A 13 2.02 4.00 1.33
C GLY A 13 1.45 3.95 -0.08
N TYR A 14 2.07 4.68 -0.99
CA TYR A 14 1.60 4.73 -2.37
C TYR A 14 1.52 3.32 -2.96
N ALA A 15 2.60 2.57 -2.85
CA ALA A 15 2.65 1.21 -3.37
C ALA A 15 1.80 0.27 -2.53
N PHE A 16 1.86 0.44 -1.21
CA PHE A 16 1.09 -0.40 -0.30
C PHE A 16 -0.39 -0.37 -0.65
N GLY A 17 -0.93 0.83 -0.84
CA GLY A 17 -2.33 0.97 -1.18
C GLY A 17 -2.68 0.26 -2.47
N ALA A 18 -1.74 0.20 -3.39
CA ALA A 18 -1.96 -0.46 -4.68
C ALA A 18 -1.92 -1.98 -4.52
N VAL A 19 -0.96 -2.46 -3.73
CA VAL A 19 -0.81 -3.89 -3.51
C VAL A 19 -2.12 -4.51 -3.01
N GLU A 20 -2.91 -3.71 -2.30
CA GLU A 20 -4.19 -4.17 -1.77
C GLU A 20 -5.24 -4.26 -2.88
N ARG A 21 -5.29 -3.22 -3.71
CA ARG A 21 -6.25 -3.19 -4.80
C ARG A 21 -6.06 -4.38 -5.74
N ALA A 22 -4.83 -4.83 -5.87
CA ALA A 22 -4.50 -5.96 -6.73
C ALA A 22 -5.30 -7.19 -6.34
N VAL A 23 -5.29 -7.51 -5.05
CA VAL A 23 -6.02 -8.67 -4.54
C VAL A 23 -7.49 -8.35 -4.35
N LEU A 24 -7.80 -7.08 -4.12
CA LEU A 24 -9.17 -6.64 -3.91
C LEU A 24 -10.03 -6.98 -5.13
N GLY A 25 -9.40 -7.01 -6.30
CA GLY A 25 -10.12 -7.34 -7.52
C GLY A 25 -9.44 -8.43 -8.33
N GLY A 26 -8.76 -9.33 -7.63
CA GLY A 26 -8.07 -10.42 -8.31
C GLY A 26 -8.86 -11.72 -8.28
N SER A 27 -9.04 -12.26 -7.08
CA SER A 27 -9.77 -13.52 -6.91
C SER A 27 -9.98 -13.83 -5.43
N ARG A 28 -10.99 -14.64 -5.14
CA ARG A 28 -11.29 -15.02 -3.77
C ARG A 28 -12.05 -16.34 -3.73
N ASP A 29 -11.35 -17.41 -3.35
CA ASP A 29 -11.97 -18.72 -3.27
C ASP A 29 -10.94 -19.77 -2.82
N TYR A 30 -10.05 -19.37 -1.92
CA TYR A 30 -9.02 -20.26 -1.42
C TYR A 30 -8.41 -19.72 -0.12
N ASN A 31 -9.20 -18.94 0.61
CA ASN A 31 -8.74 -18.36 1.86
C ASN A 31 -9.84 -17.51 2.51
N LYS A 32 -10.15 -17.82 3.76
CA LYS A 32 -11.19 -17.08 4.49
C LYS A 32 -12.54 -17.24 3.82
N ARG A 1 17.71 16.37 0.29
CA ARG A 1 17.16 15.83 1.53
C ARG A 1 15.63 15.73 1.45
N ARG A 2 15.13 15.47 0.24
CA ARG A 2 13.69 15.35 0.02
C ARG A 2 13.17 14.05 0.61
N SER A 3 11.84 13.89 0.58
CA SER A 3 11.21 12.69 1.12
C SER A 3 11.42 12.59 2.62
N ARG A 4 11.65 13.73 3.26
CA ARG A 4 11.87 13.77 4.70
C ARG A 4 11.67 15.18 5.24
N LYS A 5 10.72 15.91 4.63
CA LYS A 5 10.43 17.28 5.05
C LYS A 5 9.10 17.74 4.47
N ASN A 6 8.15 16.82 4.32
CA ASN A 6 6.84 17.14 3.78
C ASN A 6 5.95 15.90 3.74
N GLY A 7 6.56 14.75 3.49
CA GLY A 7 5.80 13.51 3.45
C GLY A 7 6.11 12.59 4.60
N ILE A 8 5.53 12.88 5.76
CA ILE A 8 5.75 12.07 6.95
C ILE A 8 5.40 10.61 6.70
N GLY A 9 4.26 10.38 6.05
CA GLY A 9 3.84 9.03 5.76
C GLY A 9 3.30 8.88 4.35
N TYR A 10 3.73 9.77 3.46
CA TYR A 10 3.30 9.75 2.07
C TYR A 10 4.01 8.65 1.30
N ALA A 11 5.33 8.74 1.23
CA ALA A 11 6.13 7.75 0.51
C ALA A 11 5.97 6.37 1.13
N ILE A 12 6.07 6.31 2.46
CA ILE A 12 5.92 5.04 3.16
C ILE A 12 4.55 4.43 2.94
N GLY A 13 3.51 5.24 3.11
CA GLY A 13 2.15 4.76 2.92
C GLY A 13 1.86 4.39 1.47
N TYR A 14 2.54 5.07 0.55
CA TYR A 14 2.35 4.81 -0.87
C TYR A 14 2.59 3.34 -1.20
N ALA A 15 3.74 2.83 -0.76
CA ALA A 15 4.10 1.44 -1.00
C ALA A 15 3.24 0.50 -0.16
N PHE A 16 2.99 0.88 1.08
CA PHE A 16 2.18 0.08 1.99
C PHE A 16 0.81 -0.21 1.39
N GLY A 17 0.17 0.84 0.89
CA GLY A 17 -1.15 0.69 0.29
C GLY A 17 -1.16 -0.34 -0.83
N ALA A 18 -0.05 -0.44 -1.55
CA ALA A 18 0.06 -1.38 -2.65
C ALA A 18 0.26 -2.81 -2.13
N VAL A 19 1.10 -2.95 -1.13
CA VAL A 19 1.38 -4.26 -0.54
C VAL A 19 0.09 -4.96 -0.12
N GLU A 20 -0.92 -4.16 0.24
CA GLU A 20 -2.21 -4.70 0.64
C GLU A 20 -3.00 -5.21 -0.55
N ARG A 21 -3.06 -4.40 -1.61
CA ARG A 21 -3.78 -4.76 -2.81
C ARG A 21 -3.25 -6.07 -3.39
N ALA A 22 -1.97 -6.34 -3.16
CA ALA A 22 -1.34 -7.56 -3.65
C ALA A 22 -2.04 -8.80 -3.11
N VAL A 23 -2.26 -8.82 -1.80
CA VAL A 23 -2.91 -9.95 -1.15
C VAL A 23 -4.43 -9.87 -1.31
N LEU A 24 -4.95 -8.65 -1.29
CA LEU A 24 -6.39 -8.44 -1.44
C LEU A 24 -6.92 -9.07 -2.71
N GLY A 25 -6.11 -9.02 -3.77
CA GLY A 25 -6.51 -9.60 -5.04
C GLY A 25 -5.81 -10.92 -5.32
N GLY A 26 -4.50 -10.95 -5.13
CA GLY A 26 -3.74 -12.15 -5.36
C GLY A 26 -3.93 -13.18 -4.27
N SER A 27 -5.06 -13.89 -4.32
CA SER A 27 -5.36 -14.90 -3.31
C SER A 27 -6.59 -15.70 -3.72
N ARG A 28 -6.86 -16.77 -2.97
CA ARG A 28 -8.01 -17.64 -3.26
C ARG A 28 -8.46 -18.37 -1.99
N ASP A 29 -9.45 -17.82 -1.31
CA ASP A 29 -9.97 -18.42 -0.09
C ASP A 29 -11.11 -17.58 0.50
N TYR A 30 -11.90 -16.98 -0.38
CA TYR A 30 -13.02 -16.15 0.05
C TYR A 30 -14.06 -16.98 0.78
N ASN A 31 -14.63 -17.95 0.09
CA ASN A 31 -15.65 -18.81 0.68
C ASN A 31 -16.14 -19.85 -0.33
N LYS A 32 -16.52 -19.37 -1.52
CA LYS A 32 -17.00 -20.25 -2.58
C LYS A 32 -15.86 -21.11 -3.14
N ARG A 1 16.86 17.48 3.47
CA ARG A 1 16.32 16.86 2.27
C ARG A 1 14.85 16.48 2.46
N ARG A 2 13.97 17.11 1.70
CA ARG A 2 12.55 16.84 1.80
C ARG A 2 12.25 15.38 1.47
N SER A 3 11.04 14.93 1.81
CA SER A 3 10.64 13.55 1.55
C SER A 3 11.49 12.58 2.36
N ARG A 4 12.06 13.06 3.45
CA ARG A 4 12.89 12.23 4.31
C ARG A 4 13.18 12.93 5.64
N LYS A 5 12.18 13.65 6.15
CA LYS A 5 12.33 14.37 7.41
C LYS A 5 10.97 14.89 7.90
N ASN A 6 9.92 14.13 7.63
CA ASN A 6 8.58 14.50 8.05
C ASN A 6 7.56 13.43 7.64
N GLY A 7 7.79 12.81 6.50
CA GLY A 7 6.89 11.78 6.02
C GLY A 7 7.09 10.46 6.73
N ILE A 8 6.54 10.36 7.94
CA ILE A 8 6.65 9.15 8.73
C ILE A 8 6.07 7.94 8.00
N GLY A 9 4.90 8.15 7.39
CA GLY A 9 4.25 7.07 6.65
C GLY A 9 3.53 7.58 5.42
N TYR A 10 3.95 8.73 4.91
CA TYR A 10 3.33 9.31 3.74
C TYR A 10 3.78 8.60 2.47
N ALA A 11 5.08 8.61 2.22
CA ALA A 11 5.64 7.96 1.04
C ALA A 11 5.55 6.44 1.16
N ILE A 12 5.90 5.91 2.33
CA ILE A 12 5.85 4.48 2.57
C ILE A 12 4.43 3.94 2.40
N GLY A 13 3.47 4.62 3.03
CA GLY A 13 2.09 4.20 2.94
C GLY A 13 1.52 4.36 1.55
N TYR A 14 2.06 5.32 0.80
CA TYR A 14 1.59 5.58 -0.55
C TYR A 14 1.67 4.32 -1.41
N ALA A 15 2.84 3.69 -1.41
CA ALA A 15 3.04 2.47 -2.18
C ALA A 15 2.29 1.29 -1.56
N PHE A 16 2.37 1.18 -0.24
CA PHE A 16 1.71 0.10 0.48
C PHE A 16 0.23 0.03 0.11
N GLY A 17 -0.43 1.19 0.07
CA GLY A 17 -1.83 1.24 -0.27
C GLY A 17 -2.10 0.74 -1.68
N ALA A 18 -1.14 0.92 -2.57
CA ALA A 18 -1.28 0.48 -3.95
C ALA A 18 -1.12 -1.03 -4.06
N VAL A 19 -0.13 -1.57 -3.35
CA VAL A 19 0.12 -3.00 -3.37
C VAL A 19 -1.13 -3.79 -3.03
N GLU A 20 -2.02 -3.18 -2.25
CA GLU A 20 -3.27 -3.83 -1.87
C GLU A 20 -4.26 -3.84 -3.02
N ARG A 21 -4.42 -2.70 -3.67
CA ARG A 21 -5.35 -2.57 -4.79
C ARG A 21 -4.97 -3.52 -5.91
N ALA A 22 -3.67 -3.81 -6.03
CA ALA A 22 -3.18 -4.71 -7.07
C ALA A 22 -3.87 -6.07 -6.98
N VAL A 23 -3.89 -6.65 -5.79
CA VAL A 23 -4.52 -7.95 -5.58
C VAL A 23 -6.03 -7.81 -5.44
N LEU A 24 -6.46 -6.68 -4.89
CA LEU A 24 -7.89 -6.42 -4.71
C LEU A 24 -8.65 -6.62 -6.02
N GLY A 25 -8.06 -6.15 -7.12
CA GLY A 25 -8.71 -6.27 -8.42
C GLY A 25 -8.25 -7.51 -9.16
N GLY A 26 -7.71 -8.48 -8.43
CA GLY A 26 -7.25 -9.71 -9.04
C GLY A 26 -7.72 -10.95 -8.30
N SER A 27 -6.78 -11.78 -7.87
CA SER A 27 -7.11 -13.00 -7.14
C SER A 27 -8.04 -12.70 -5.97
N ARG A 28 -8.85 -13.70 -5.60
CA ARG A 28 -9.78 -13.54 -4.49
C ARG A 28 -10.35 -14.88 -4.07
N ASP A 29 -10.05 -15.30 -2.85
CA ASP A 29 -10.53 -16.58 -2.32
C ASP A 29 -10.03 -16.80 -0.90
N TYR A 30 -10.84 -17.50 -0.09
CA TYR A 30 -10.49 -17.77 1.29
C TYR A 30 -9.41 -18.86 1.37
N ASN A 31 -9.77 -20.05 0.93
CA ASN A 31 -8.84 -21.18 0.94
C ASN A 31 -9.49 -22.44 0.37
N LYS A 32 -10.65 -22.80 0.92
CA LYS A 32 -11.38 -23.98 0.47
C LYS A 32 -12.18 -23.67 -0.79
N ARG A 1 19.01 16.93 1.47
CA ARG A 1 18.93 15.65 2.16
C ARG A 1 17.69 15.57 3.04
N ARG A 2 16.53 15.84 2.45
CA ARG A 2 15.27 15.80 3.18
C ARG A 2 14.12 15.39 2.28
N SER A 3 13.70 14.14 2.39
CA SER A 3 12.61 13.62 1.57
C SER A 3 12.16 12.26 2.07
N ARG A 4 13.12 11.44 2.49
CA ARG A 4 12.83 10.09 2.99
C ARG A 4 12.51 10.13 4.48
N LYS A 5 11.57 11.00 4.87
CA LYS A 5 11.17 11.13 6.26
C LYS A 5 9.90 11.96 6.39
N ASN A 6 9.79 12.99 5.57
CA ASN A 6 8.62 13.87 5.59
C ASN A 6 7.35 13.08 5.31
N GLY A 7 7.49 12.02 4.50
CA GLY A 7 6.34 11.20 4.17
C GLY A 7 6.08 10.11 5.19
N ILE A 8 5.37 10.46 6.26
CA ILE A 8 5.06 9.51 7.32
C ILE A 8 4.36 8.28 6.75
N GLY A 9 3.36 8.51 5.91
CA GLY A 9 2.62 7.40 5.32
C GLY A 9 2.20 7.69 3.90
N TYR A 10 2.89 8.63 3.26
CA TYR A 10 2.58 9.00 1.88
C TYR A 10 3.10 7.94 0.91
N ALA A 11 4.39 7.66 0.97
CA ALA A 11 5.00 6.67 0.09
C ALA A 11 4.58 5.26 0.49
N ILE A 12 4.67 4.96 1.79
CA ILE A 12 4.30 3.64 2.29
C ILE A 12 2.83 3.34 2.00
N GLY A 13 1.96 4.29 2.33
CA GLY A 13 0.54 4.11 2.09
C GLY A 13 0.20 3.98 0.63
N TYR A 14 1.02 4.60 -0.22
CA TYR A 14 0.80 4.56 -1.67
C TYR A 14 0.71 3.13 -2.16
N ALA A 15 1.71 2.32 -1.81
CA ALA A 15 1.74 0.92 -2.22
C ALA A 15 0.69 0.11 -1.48
N PHE A 16 0.57 0.34 -0.17
CA PHE A 16 -0.41 -0.37 0.64
C PHE A 16 -1.80 -0.29 0.03
N GLY A 17 -2.23 0.93 -0.30
CA GLY A 17 -3.53 1.13 -0.88
C GLY A 17 -3.72 0.34 -2.16
N ALA A 18 -2.64 0.16 -2.92
CA ALA A 18 -2.69 -0.59 -4.17
C ALA A 18 -2.76 -2.08 -3.91
N VAL A 19 -1.97 -2.55 -2.96
CA VAL A 19 -1.95 -3.97 -2.61
C VAL A 19 -3.35 -4.49 -2.29
N GLU A 20 -4.20 -3.59 -1.81
CA GLU A 20 -5.58 -3.94 -1.46
C GLU A 20 -6.43 -4.10 -2.72
N ARG A 21 -6.31 -3.15 -3.63
CA ARG A 21 -7.07 -3.17 -4.87
C ARG A 21 -6.77 -4.45 -5.66
N ALA A 22 -5.56 -4.97 -5.51
CA ALA A 22 -5.16 -6.18 -6.21
C ALA A 22 -6.04 -7.36 -5.80
N VAL A 23 -6.23 -7.54 -4.50
CA VAL A 23 -7.05 -8.63 -3.99
C VAL A 23 -8.53 -8.28 -4.08
N LEU A 24 -8.84 -6.99 -4.07
CA LEU A 24 -10.22 -6.52 -4.15
C LEU A 24 -10.87 -6.98 -5.45
N GLY A 25 -10.08 -7.04 -6.52
CA GLY A 25 -10.60 -7.46 -7.81
C GLY A 25 -10.91 -8.95 -7.85
N GLY A 26 -10.22 -9.72 -7.00
CA GLY A 26 -10.44 -11.15 -6.96
C GLY A 26 -11.75 -11.52 -6.29
N SER A 27 -11.71 -12.54 -5.44
CA SER A 27 -12.89 -13.00 -4.74
C SER A 27 -12.55 -14.11 -3.75
N ARG A 28 -12.35 -13.74 -2.50
CA ARG A 28 -12.01 -14.70 -1.45
C ARG A 28 -10.71 -15.42 -1.79
N ASP A 29 -9.66 -14.65 -2.04
CA ASP A 29 -8.36 -15.23 -2.37
C ASP A 29 -7.90 -16.20 -1.30
N TYR A 30 -7.62 -15.68 -0.11
CA TYR A 30 -7.18 -16.52 1.00
C TYR A 30 -6.03 -17.43 0.57
N ASN A 31 -4.86 -16.84 0.35
CA ASN A 31 -3.70 -17.60 -0.07
C ASN A 31 -2.49 -16.68 -0.24
N LYS A 32 -2.60 -15.73 -1.17
CA LYS A 32 -1.52 -14.78 -1.44
C LYS A 32 -0.22 -15.52 -1.73
N ARG A 1 16.83 15.38 1.02
CA ARG A 1 16.60 14.01 0.57
C ARG A 1 15.64 13.27 1.52
N ARG A 2 14.35 13.33 1.23
CA ARG A 2 13.35 12.68 2.05
C ARG A 2 13.58 11.17 2.09
N SER A 3 13.61 10.62 3.31
CA SER A 3 13.83 9.19 3.49
C SER A 3 13.46 8.76 4.91
N ARG A 4 12.32 8.08 5.03
CA ARG A 4 11.85 7.62 6.33
C ARG A 4 11.71 8.78 7.31
N LYS A 5 11.36 9.96 6.78
CA LYS A 5 11.19 11.14 7.61
C LYS A 5 10.41 12.21 6.86
N ASN A 6 9.48 11.79 6.01
CA ASN A 6 8.66 12.72 5.24
C ASN A 6 7.67 11.96 4.36
N GLY A 7 8.09 10.80 3.87
CA GLY A 7 7.22 10.00 3.02
C GLY A 7 6.80 8.70 3.69
N ILE A 8 6.66 8.73 5.00
CA ILE A 8 6.26 7.55 5.76
C ILE A 8 4.90 7.03 5.28
N GLY A 9 3.84 7.76 5.63
CA GLY A 9 2.51 7.36 5.22
C GLY A 9 2.30 7.44 3.72
N TYR A 10 3.14 8.23 3.06
CA TYR A 10 3.04 8.40 1.61
C TYR A 10 3.29 7.08 0.89
N ALA A 11 4.41 6.44 1.21
CA ALA A 11 4.76 5.17 0.59
C ALA A 11 3.85 4.04 1.08
N ILE A 12 3.83 3.84 2.40
CA ILE A 12 3.01 2.80 3.00
C ILE A 12 1.56 2.91 2.54
N GLY A 13 1.01 4.12 2.61
CA GLY A 13 -0.36 4.35 2.19
C GLY A 13 -0.57 4.06 0.72
N TYR A 14 0.46 4.28 -0.08
CA TYR A 14 0.38 4.05 -1.52
C TYR A 14 0.01 2.60 -1.81
N ALA A 15 0.75 1.67 -1.21
CA ALA A 15 0.50 0.26 -1.41
C ALA A 15 -0.82 -0.16 -0.78
N PHE A 16 -1.09 0.36 0.41
CA PHE A 16 -2.33 0.04 1.13
C PHE A 16 -3.54 0.32 0.26
N GLY A 17 -3.56 1.49 -0.37
CA GLY A 17 -4.68 1.86 -1.23
C GLY A 17 -4.87 0.88 -2.38
N ALA A 18 -3.77 0.32 -2.86
CA ALA A 18 -3.82 -0.63 -3.96
C ALA A 18 -4.34 -1.99 -3.50
N VAL A 19 -3.86 -2.43 -2.34
CA VAL A 19 -4.27 -3.72 -1.78
C VAL A 19 -5.78 -3.81 -1.68
N GLU A 20 -6.43 -2.66 -1.51
CA GLU A 20 -7.88 -2.61 -1.40
C GLU A 20 -8.54 -2.80 -2.77
N ARG A 21 -7.99 -2.12 -3.77
CA ARG A 21 -8.53 -2.21 -5.13
C ARG A 21 -8.54 -3.66 -5.61
N ALA A 22 -7.61 -4.46 -5.09
CA ALA A 22 -7.52 -5.86 -5.47
C ALA A 22 -8.78 -6.63 -5.08
N VAL A 23 -9.20 -6.48 -3.84
CA VAL A 23 -10.39 -7.16 -3.34
C VAL A 23 -11.65 -6.40 -3.74
N LEU A 24 -11.52 -5.10 -3.96
CA LEU A 24 -12.65 -4.26 -4.35
C LEU A 24 -13.37 -4.87 -5.56
N GLY A 25 -12.60 -5.28 -6.56
CA GLY A 25 -13.19 -5.86 -7.76
C GLY A 25 -12.24 -6.80 -8.46
N GLY A 26 -11.87 -7.89 -7.79
CA GLY A 26 -10.97 -8.86 -8.38
C GLY A 26 -11.30 -10.29 -7.98
N SER A 27 -10.32 -11.01 -7.47
CA SER A 27 -10.52 -12.40 -7.07
C SER A 27 -9.28 -12.94 -6.34
N ARG A 28 -9.49 -13.93 -5.50
CA ARG A 28 -8.40 -14.55 -4.75
C ARG A 28 -7.75 -13.52 -3.82
N ASP A 29 -8.30 -13.41 -2.61
CA ASP A 29 -7.76 -12.47 -1.63
C ASP A 29 -6.32 -12.78 -1.29
N TYR A 30 -5.80 -12.16 -0.24
CA TYR A 30 -4.42 -12.37 0.18
C TYR A 30 -4.09 -11.55 1.42
N ASN A 31 -3.81 -12.24 2.52
CA ASN A 31 -3.48 -11.59 3.78
C ASN A 31 -2.33 -10.61 3.59
N LYS A 32 -1.23 -11.10 3.03
CA LYS A 32 -0.05 -10.26 2.79
C LYS A 32 0.94 -10.97 1.87
N ARG A 1 18.49 16.18 8.99
CA ARG A 1 17.05 16.04 8.78
C ARG A 1 16.77 15.09 7.63
N ARG A 2 15.71 14.29 7.77
CA ARG A 2 15.33 13.32 6.75
C ARG A 2 13.82 13.10 6.74
N SER A 3 13.13 13.91 5.94
CA SER A 3 11.67 13.82 5.85
C SER A 3 11.16 14.58 4.63
N ARG A 4 11.75 15.74 4.37
CA ARG A 4 11.36 16.57 3.24
C ARG A 4 12.09 16.14 1.96
N LYS A 5 12.01 14.85 1.64
CA LYS A 5 12.66 14.32 0.46
C LYS A 5 12.39 12.82 0.31
N ASN A 6 11.16 12.41 0.63
CA ASN A 6 10.78 11.01 0.54
C ASN A 6 9.32 10.83 0.94
N GLY A 7 8.87 11.61 1.92
CA GLY A 7 7.50 11.51 2.38
C GLY A 7 7.23 10.24 3.15
N ILE A 8 7.07 10.36 4.46
CA ILE A 8 6.81 9.20 5.31
C ILE A 8 5.49 8.53 4.93
N GLY A 9 4.39 9.19 5.26
CA GLY A 9 3.08 8.64 4.96
C GLY A 9 2.84 8.50 3.47
N TYR A 10 3.61 9.24 2.68
CA TYR A 10 3.48 9.19 1.23
C TYR A 10 3.84 7.81 0.69
N ALA A 11 5.02 7.33 1.06
CA ALA A 11 5.48 6.01 0.63
C ALA A 11 4.69 4.90 1.29
N ILE A 12 4.69 4.88 2.62
CA ILE A 12 3.97 3.87 3.38
C ILE A 12 2.51 3.79 2.94
N GLY A 13 1.86 4.95 2.86
CA GLY A 13 0.47 4.99 2.45
C GLY A 13 0.27 4.48 1.04
N TYR A 14 1.30 4.62 0.20
CA TYR A 14 1.22 4.17 -1.19
C TYR A 14 1.00 2.66 -1.26
N ALA A 15 1.85 1.92 -0.55
CA ALA A 15 1.75 0.46 -0.54
C ALA A 15 0.49 0.01 0.18
N PHE A 16 0.18 0.67 1.29
CA PHE A 16 -1.00 0.33 2.08
C PHE A 16 -2.26 0.30 1.20
N GLY A 17 -2.40 1.31 0.35
CA GLY A 17 -3.55 1.39 -0.53
C GLY A 17 -3.61 0.21 -1.49
N ALA A 18 -2.45 -0.30 -1.89
CA ALA A 18 -2.39 -1.43 -2.81
C ALA A 18 -2.73 -2.73 -2.10
N VAL A 19 -2.20 -2.90 -0.90
CA VAL A 19 -2.46 -4.10 -0.12
C VAL A 19 -3.95 -4.36 0.02
N GLU A 20 -4.74 -3.29 -0.01
CA GLU A 20 -6.18 -3.39 0.11
C GLU A 20 -6.81 -3.92 -1.18
N ARG A 21 -6.36 -3.38 -2.31
CA ARG A 21 -6.86 -3.79 -3.61
C ARG A 21 -6.67 -5.28 -3.84
N ALA A 22 -5.63 -5.83 -3.22
CA ALA A 22 -5.32 -7.25 -3.35
C ALA A 22 -6.47 -8.10 -2.84
N VAL A 23 -6.97 -7.78 -1.65
CA VAL A 23 -8.07 -8.51 -1.04
C VAL A 23 -9.41 -8.06 -1.62
N LEU A 24 -9.52 -6.77 -1.91
CA LEU A 24 -10.74 -6.21 -2.47
C LEU A 24 -11.15 -6.95 -3.73
N GLY A 25 -10.19 -7.18 -4.63
CA GLY A 25 -10.47 -7.88 -5.86
C GLY A 25 -9.26 -8.02 -6.74
N GLY A 26 -8.21 -8.67 -6.22
CA GLY A 26 -6.99 -8.85 -6.98
C GLY A 26 -6.49 -10.27 -6.92
N SER A 27 -5.75 -10.61 -5.86
CA SER A 27 -5.20 -11.94 -5.70
C SER A 27 -6.32 -12.97 -5.59
N ARG A 28 -6.20 -14.05 -6.36
CA ARG A 28 -7.20 -15.11 -6.36
C ARG A 28 -6.98 -16.07 -5.20
N ASP A 29 -7.06 -15.54 -3.98
CA ASP A 29 -6.86 -16.34 -2.79
C ASP A 29 -7.03 -15.50 -1.52
N TYR A 30 -7.27 -16.17 -0.40
CA TYR A 30 -7.45 -15.48 0.88
C TYR A 30 -8.71 -14.62 0.84
N ASN A 31 -9.86 -15.25 1.02
CA ASN A 31 -11.14 -14.54 1.00
C ASN A 31 -12.30 -15.50 1.23
N LYS A 32 -12.22 -16.67 0.61
CA LYS A 32 -13.27 -17.68 0.75
C LYS A 32 -14.63 -17.12 0.33
N ARG A 1 19.34 7.16 5.30
CA ARG A 1 17.93 6.82 5.46
C ARG A 1 17.05 7.93 4.89
N ARG A 2 17.07 8.08 3.58
CA ARG A 2 16.26 9.10 2.90
C ARG A 2 14.86 8.59 2.64
N SER A 3 13.96 8.81 3.60
CA SER A 3 12.58 8.38 3.47
C SER A 3 11.69 9.07 4.51
N ARG A 4 12.21 9.22 5.71
CA ARG A 4 11.48 9.86 6.80
C ARG A 4 11.64 11.37 6.75
N LYS A 5 11.36 11.96 5.59
CA LYS A 5 11.48 13.40 5.41
C LYS A 5 11.08 13.81 4.00
N ASN A 6 10.06 13.16 3.47
CA ASN A 6 9.58 13.46 2.12
C ASN A 6 8.38 12.58 1.77
N GLY A 7 8.39 11.34 2.25
CA GLY A 7 7.31 10.42 1.98
C GLY A 7 6.15 10.59 2.93
N ILE A 8 5.51 11.75 2.90
CA ILE A 8 4.39 12.04 3.78
C ILE A 8 3.23 11.08 3.49
N GLY A 9 2.85 10.97 2.23
CA GLY A 9 1.76 10.08 1.85
C GLY A 9 2.13 9.17 0.70
N TYR A 10 3.42 8.97 0.49
CA TYR A 10 3.90 8.11 -0.58
C TYR A 10 3.68 6.64 -0.24
N ALA A 11 4.32 6.20 0.84
CA ALA A 11 4.20 4.81 1.28
C ALA A 11 2.80 4.52 1.80
N ILE A 12 2.33 5.35 2.72
CA ILE A 12 1.00 5.19 3.30
C ILE A 12 -0.06 5.09 2.22
N GLY A 13 -0.05 6.05 1.30
CA GLY A 13 -1.03 6.06 0.22
C GLY A 13 -0.88 4.86 -0.70
N TYR A 14 0.34 4.37 -0.84
CA TYR A 14 0.61 3.22 -1.69
C TYR A 14 -0.25 2.02 -1.28
N ALA A 15 -0.20 1.68 -0.01
CA ALA A 15 -0.97 0.56 0.52
C ALA A 15 -2.46 0.85 0.49
N PHE A 16 -2.82 2.09 0.83
CA PHE A 16 -4.22 2.50 0.85
C PHE A 16 -4.89 2.22 -0.50
N GLY A 17 -4.30 2.76 -1.56
CA GLY A 17 -4.85 2.55 -2.89
C GLY A 17 -5.02 1.08 -3.23
N ALA A 18 -4.12 0.24 -2.71
CA ALA A 18 -4.19 -1.19 -2.97
C ALA A 18 -5.29 -1.84 -2.14
N VAL A 19 -5.39 -1.44 -0.88
CA VAL A 19 -6.40 -2.00 0.02
C VAL A 19 -7.79 -1.86 -0.59
N GLU A 20 -8.00 -0.82 -1.40
CA GLU A 20 -9.27 -0.59 -2.04
C GLU A 20 -9.49 -1.55 -3.20
N ARG A 21 -8.46 -1.72 -4.02
CA ARG A 21 -8.53 -2.61 -5.17
C ARG A 21 -8.87 -4.04 -4.74
N ALA A 22 -8.40 -4.42 -3.55
CA ALA A 22 -8.66 -5.75 -3.02
C ALA A 22 -10.15 -6.02 -2.93
N VAL A 23 -10.91 -5.06 -2.40
CA VAL A 23 -12.35 -5.19 -2.26
C VAL A 23 -13.06 -4.88 -3.57
N LEU A 24 -12.54 -3.90 -4.30
CA LEU A 24 -13.12 -3.50 -5.57
C LEU A 24 -13.30 -4.70 -6.50
N GLY A 25 -12.39 -5.65 -6.39
CA GLY A 25 -12.45 -6.84 -7.22
C GLY A 25 -12.97 -8.05 -6.46
N GLY A 26 -12.61 -8.13 -5.19
CA GLY A 26 -13.05 -9.25 -4.37
C GLY A 26 -11.92 -10.23 -4.08
N SER A 27 -10.91 -10.23 -4.94
CA SER A 27 -9.78 -11.13 -4.78
C SER A 27 -9.12 -10.96 -3.42
N ARG A 28 -8.30 -11.92 -3.03
CA ARG A 28 -7.62 -11.87 -1.74
C ARG A 28 -6.44 -12.85 -1.71
N ASP A 29 -5.28 -12.38 -2.13
CA ASP A 29 -4.07 -13.21 -2.15
C ASP A 29 -3.76 -13.73 -0.76
N TYR A 30 -3.19 -12.87 0.08
CA TYR A 30 -2.84 -13.25 1.44
C TYR A 30 -2.10 -12.12 2.14
N ASN A 31 -1.13 -11.52 1.44
CA ASN A 31 -0.35 -10.43 1.99
C ASN A 31 0.63 -9.88 0.96
N LYS A 32 1.17 -10.78 0.13
CA LYS A 32 2.12 -10.39 -0.91
C LYS A 32 1.39 -10.03 -2.20
N ARG A 1 14.55 23.10 3.60
CA ARG A 1 13.95 22.22 4.60
C ARG A 1 13.52 20.90 3.98
N ARG A 2 14.14 19.81 4.43
CA ARG A 2 13.82 18.49 3.92
C ARG A 2 12.58 17.92 4.59
N SER A 3 11.68 17.36 3.79
CA SER A 3 10.44 16.79 4.30
C SER A 3 9.70 16.01 3.22
N ARG A 4 9.08 16.75 2.29
CA ARG A 4 8.34 16.13 1.21
C ARG A 4 9.27 15.79 0.04
N LYS A 5 10.31 15.02 0.34
CA LYS A 5 11.27 14.62 -0.69
C LYS A 5 12.23 13.55 -0.15
N ASN A 6 12.68 13.74 1.09
CA ASN A 6 13.59 12.79 1.72
C ASN A 6 12.97 11.40 1.79
N GLY A 7 11.64 11.36 1.86
CA GLY A 7 10.95 10.09 1.93
C GLY A 7 10.51 9.74 3.34
N ILE A 8 9.64 10.57 3.91
CA ILE A 8 9.15 10.34 5.27
C ILE A 8 8.41 9.01 5.38
N GLY A 9 7.47 8.79 4.47
CA GLY A 9 6.71 7.56 4.48
C GLY A 9 6.41 7.06 3.08
N TYR A 10 7.26 7.41 2.13
CA TYR A 10 7.08 6.99 0.75
C TYR A 10 7.44 5.51 0.58
N ALA A 11 8.70 5.18 0.87
CA ALA A 11 9.16 3.80 0.75
C ALA A 11 8.38 2.87 1.67
N ILE A 12 8.25 3.28 2.93
CA ILE A 12 7.52 2.48 3.91
C ILE A 12 6.07 2.29 3.51
N GLY A 13 5.41 3.38 3.12
CA GLY A 13 4.03 3.31 2.71
C GLY A 13 3.84 2.52 1.42
N TYR A 14 4.86 2.53 0.58
CA TYR A 14 4.81 1.82 -0.69
C TYR A 14 4.53 0.34 -0.47
N ALA A 15 5.32 -0.29 0.39
CA ALA A 15 5.16 -1.70 0.70
C ALA A 15 3.88 -1.95 1.48
N PHE A 16 3.58 -1.06 2.44
CA PHE A 16 2.38 -1.18 3.25
C PHE A 16 1.13 -1.21 2.39
N GLY A 17 1.03 -0.26 1.47
CA GLY A 17 -0.13 -0.18 0.60
C GLY A 17 -0.35 -1.48 -0.16
N ALA A 18 0.74 -2.15 -0.51
CA ALA A 18 0.66 -3.41 -1.26
C ALA A 18 0.22 -4.54 -0.34
N VAL A 19 0.78 -4.59 0.86
CA VAL A 19 0.45 -5.64 1.83
C VAL A 19 -1.06 -5.70 2.06
N GLU A 20 -1.72 -4.57 1.90
CA GLU A 20 -3.17 -4.51 2.09
C GLU A 20 -3.90 -5.12 0.91
N ARG A 21 -3.46 -4.78 -0.29
CA ARG A 21 -4.08 -5.30 -1.51
C ARG A 21 -4.04 -6.83 -1.53
N ALA A 22 -2.99 -7.39 -0.94
CA ALA A 22 -2.84 -8.84 -0.88
C ALA A 22 -3.99 -9.49 -0.13
N VAL A 23 -4.33 -8.91 1.02
CA VAL A 23 -5.42 -9.43 1.85
C VAL A 23 -6.77 -8.98 1.32
N LEU A 24 -6.80 -7.81 0.69
CA LEU A 24 -8.03 -7.26 0.14
C LEU A 24 -8.66 -8.22 -0.87
N GLY A 25 -7.80 -8.98 -1.54
CA GLY A 25 -8.29 -9.93 -2.53
C GLY A 25 -7.41 -11.17 -2.63
N GLY A 26 -7.49 -12.03 -1.61
CA GLY A 26 -6.70 -13.24 -1.60
C GLY A 26 -7.09 -14.17 -0.48
N SER A 27 -7.32 -13.62 0.70
CA SER A 27 -7.70 -14.42 1.86
C SER A 27 -9.05 -15.10 1.64
N ARG A 28 -9.85 -14.54 0.73
CA ARG A 28 -11.15 -15.10 0.43
C ARG A 28 -11.62 -14.66 -0.96
N ASP A 29 -11.67 -15.61 -1.89
CA ASP A 29 -12.11 -15.32 -3.25
C ASP A 29 -12.07 -16.57 -4.11
N TYR A 30 -12.76 -16.52 -5.25
CA TYR A 30 -12.81 -17.66 -6.16
C TYR A 30 -13.25 -17.23 -7.56
N ASN A 31 -13.60 -18.20 -8.39
CA ASN A 31 -14.05 -17.92 -9.75
C ASN A 31 -15.19 -16.90 -9.75
N LYS A 32 -16.22 -17.19 -8.97
CA LYS A 32 -17.38 -16.30 -8.89
C LYS A 32 -18.06 -16.16 -10.25
#